data_5NMH
#
_entry.id   5NMH
#
_cell.length_a   56.120
_cell.length_b   80.090
_cell.length_c   57.580
_cell.angle_alpha   90.00
_cell.angle_beta   115.75
_cell.angle_gamma   90.00
#
_symmetry.space_group_name_H-M   'P 1 21 1'
#
loop_
_entity.id
_entity.type
_entity.pdbx_description
1 polymer 'HLA class I histocompatibility antigen, A-2 alpha chain'
2 polymer Beta-2-microglobulin
3 polymer 'Gag protein'
4 non-polymer 1,2-ETHANEDIOL
5 non-polymer GLYCEROL
6 water water
#
loop_
_entity_poly.entity_id
_entity_poly.type
_entity_poly.pdbx_seq_one_letter_code
_entity_poly.pdbx_strand_id
1 'polypeptide(L)'
;GSHSMRYFFTSVSRPGRGEPRFIAVGYVDDTQFVRFDSDAASQRMEPRAPWIEQEGPEYWDGETRKVKAHSQTHRVDLGT
LRGYYNQSEAGSHTVQRMYGCDVGSDWRFLRGYHQYAYDGKDYIALKEDLRSWTAADMAAQTTKHKWEAAHVAEQLRAYL
EGTCVEWLRRYLENGKETLQRTDAPKTHMTHHAVSDHEATLRCWALSFYPAEITLTWQRDGEDQTQDTELVETRPAGDGT
FQKWAAVVVPSGQEQRYTCHVQHEGLPKPLTLRWEP
;
A
2 'polypeptide(L)'
;IQRTPKIQVYSRHPAENGKSNFLNCYVSGFHPSDIEVDLLKNGERIEKVEHSDLSFSKDWSFYLLYYTEFTPTEKDEYAC
RVNHVTLSQPKIVKWDRDM
;
B
3 'polypeptide(L)' SLYNTIATL C
#
# COMPACT_ATOMS: atom_id res chain seq x y z
N GLY A 1 17.50 11.82 2.27
CA GLY A 1 16.65 11.96 1.03
C GLY A 1 15.39 12.61 1.54
N SER A 2 14.40 12.63 0.66
CA SER A 2 13.09 13.20 0.92
C SER A 2 12.18 12.25 1.68
N HIS A 3 11.16 12.82 2.34
CA HIS A 3 10.25 12.04 3.23
C HIS A 3 8.84 12.53 3.16
N SER A 4 7.91 11.65 3.49
CA SER A 4 6.49 11.95 3.45
C SER A 4 5.78 11.44 4.69
N MET A 5 4.73 12.13 5.10
CA MET A 5 3.75 11.59 6.04
C MET A 5 2.41 11.53 5.30
N ARG A 6 1.73 10.40 5.41
N ARG A 6 1.73 10.39 5.38
CA ARG A 6 0.44 10.23 4.74
CA ARG A 6 0.44 10.21 4.70
C ARG A 6 -0.54 9.50 5.62
C ARG A 6 -0.54 9.47 5.56
N TYR A 7 -1.78 9.95 5.59
CA TYR A 7 -2.89 9.26 6.21
C TYR A 7 -3.90 8.83 5.17
N PHE A 8 -4.38 7.59 5.29
CA PHE A 8 -5.34 6.97 4.36
C PHE A 8 -6.55 6.53 5.13
N PHE A 9 -7.73 6.83 4.63
CA PHE A 9 -8.99 6.58 5.34
C PHE A 9 -9.93 5.91 4.38
N THR A 10 -10.63 4.85 4.85
CA THR A 10 -11.61 4.19 4.04
C THR A 10 -12.87 3.99 4.86
N SER A 11 -14.05 4.36 4.33
CA SER A 11 -15.32 4.05 4.98
CA SER A 11 -15.32 4.04 5.00
C SER A 11 -16.21 3.33 4.00
N VAL A 12 -16.85 2.27 4.45
CA VAL A 12 -17.71 1.45 3.58
C VAL A 12 -19.05 1.35 4.29
N SER A 13 -20.12 1.75 3.60
CA SER A 13 -21.43 1.65 4.24
C SER A 13 -21.95 0.22 4.33
N ARG A 14 -22.82 -0.01 5.31
N ARG A 14 -22.73 -0.04 5.37
CA ARG A 14 -23.32 -1.33 5.67
CA ARG A 14 -23.31 -1.35 5.59
C ARG A 14 -24.82 -1.39 5.79
C ARG A 14 -24.81 -1.14 5.84
N PRO A 15 -25.54 -1.09 4.71
CA PRO A 15 -27.01 -0.91 4.78
C PRO A 15 -27.87 -1.83 5.62
N GLY A 16 -27.50 -3.09 5.69
CA GLY A 16 -28.34 -4.03 6.40
C GLY A 16 -28.48 -3.79 7.91
N ARG A 17 -27.44 -3.25 8.53
CA ARG A 17 -27.43 -3.01 9.98
C ARG A 17 -26.20 -2.24 10.38
N GLY A 18 -26.40 -1.19 11.16
CA GLY A 18 -25.30 -0.51 11.84
C GLY A 18 -24.53 0.51 10.99
N GLU A 19 -23.33 0.86 11.45
N GLU A 19 -23.34 0.85 11.44
CA GLU A 19 -22.59 1.98 10.92
CA GLU A 19 -22.58 1.99 10.93
C GLU A 19 -21.54 1.50 9.92
C GLU A 19 -21.52 1.50 9.93
N PRO A 20 -20.96 2.44 9.18
CA PRO A 20 -19.94 2.04 8.21
C PRO A 20 -18.72 1.41 8.85
N ARG A 21 -18.03 0.54 8.11
CA ARG A 21 -16.69 0.10 8.52
C ARG A 21 -15.76 1.25 8.24
N PHE A 22 -14.90 1.64 9.17
CA PHE A 22 -13.93 2.73 8.98
C PHE A 22 -12.55 2.27 9.37
N ILE A 23 -11.58 2.43 8.43
CA ILE A 23 -10.20 2.06 8.68
C ILE A 23 -9.32 3.21 8.33
N ALA A 24 -8.46 3.63 9.27
CA ALA A 24 -7.49 4.71 9.05
C ALA A 24 -6.11 4.15 9.32
N VAL A 25 -5.16 4.56 8.47
CA VAL A 25 -3.77 4.11 8.61
C VAL A 25 -2.89 5.34 8.39
N GLY A 26 -1.82 5.48 9.21
CA GLY A 26 -0.84 6.51 9.01
C GLY A 26 0.52 5.90 8.66
N TYR A 27 1.23 6.53 7.70
CA TYR A 27 2.56 6.18 7.27
C TYR A 27 3.55 7.31 7.37
N VAL A 28 4.79 6.98 7.67
CA VAL A 28 5.97 7.81 7.35
C VAL A 28 6.72 7.06 6.29
N ASP A 29 6.90 7.70 5.16
CA ASP A 29 7.50 6.97 4.02
C ASP A 29 6.74 5.64 3.76
N ASP A 30 7.43 4.51 3.77
CA ASP A 30 6.77 3.23 3.53
C ASP A 30 6.61 2.42 4.82
N THR A 31 6.55 3.11 5.95
CA THR A 31 6.41 2.49 7.30
C THR A 31 5.07 2.92 7.90
N GLN A 32 4.17 1.98 8.10
CA GLN A 32 2.95 2.23 8.87
C GLN A 32 3.31 2.49 10.30
N PHE A 33 2.70 3.48 10.92
CA PHE A 33 3.00 3.79 12.34
C PHE A 33 1.79 3.87 13.25
N VAL A 34 0.60 4.06 12.70
CA VAL A 34 -0.66 4.10 13.46
C VAL A 34 -1.79 3.48 12.68
N ARG A 35 -2.85 3.07 13.39
CA ARG A 35 -4.05 2.55 12.75
C ARG A 35 -5.22 2.80 13.69
N PHE A 36 -6.39 2.83 13.04
CA PHE A 36 -7.67 2.75 13.69
C PHE A 36 -8.58 1.88 12.85
N ASP A 37 -9.27 0.96 13.48
CA ASP A 37 -10.24 0.10 12.79
C ASP A 37 -11.50 0.08 13.66
N SER A 38 -12.59 0.52 13.08
CA SER A 38 -13.90 0.53 13.76
C SER A 38 -14.33 -0.85 14.25
N ASP A 39 -13.83 -1.91 13.60
CA ASP A 39 -14.15 -3.28 14.03
C ASP A 39 -13.30 -3.78 15.20
N ALA A 40 -12.19 -3.09 15.52
CA ALA A 40 -11.27 -3.58 16.55
C ALA A 40 -11.81 -3.23 17.93
N ALA A 41 -11.25 -3.85 18.95
CA ALA A 41 -11.79 -3.73 20.31
C ALA A 41 -11.40 -2.40 21.00
N SER A 42 -10.23 -1.90 20.69
CA SER A 42 -9.71 -0.77 21.50
C SER A 42 -10.56 0.53 21.32
N GLN A 43 -11.14 0.72 20.15
CA GLN A 43 -11.74 1.99 19.78
C GLN A 43 -10.78 3.15 20.03
N ARG A 44 -9.48 2.91 19.83
CA ARG A 44 -8.45 3.97 19.95
C ARG A 44 -7.56 3.94 18.73
N MET A 45 -6.92 5.07 18.44
CA MET A 45 -5.75 5.00 17.58
C MET A 45 -4.67 4.19 18.28
N GLU A 46 -4.05 3.27 17.52
CA GLU A 46 -3.12 2.31 18.04
C GLU A 46 -1.74 2.45 17.39
N PRO A 47 -0.66 2.19 18.09
CA PRO A 47 0.66 2.18 17.54
C PRO A 47 0.94 0.99 16.68
N ARG A 48 1.74 1.21 15.63
CA ARG A 48 2.19 0.13 14.77
C ARG A 48 3.72 0.19 14.46
N ALA A 49 4.41 1.10 15.08
CA ALA A 49 5.88 1.12 15.07
C ALA A 49 6.43 1.43 16.42
N PRO A 50 7.63 0.88 16.76
CA PRO A 50 8.13 1.12 18.11
C PRO A 50 8.37 2.56 18.44
N TRP A 51 8.76 3.35 17.46
CA TRP A 51 9.14 4.73 17.71
C TRP A 51 7.97 5.64 18.02
N ILE A 52 6.74 5.21 17.76
CA ILE A 52 5.58 6.04 18.11
C ILE A 52 5.11 5.69 19.54
N GLU A 53 5.53 4.54 20.07
CA GLU A 53 5.06 4.11 21.42
C GLU A 53 5.47 5.05 22.52
N GLN A 54 6.54 5.83 22.32
CA GLN A 54 6.98 6.78 23.36
C GLN A 54 6.09 7.99 23.48
N GLU A 55 5.20 8.22 22.50
CA GLU A 55 4.32 9.35 22.65
C GLU A 55 3.40 9.09 23.88
N GLY A 56 3.07 10.14 24.59
CA GLY A 56 2.37 10.00 25.88
C GLY A 56 0.87 9.95 25.69
N PRO A 57 0.13 9.93 26.80
CA PRO A 57 -1.33 9.76 26.75
C PRO A 57 -2.07 10.90 26.11
N GLU A 58 -1.54 12.09 26.21
CA GLU A 58 -2.13 13.24 25.55
C GLU A 58 -2.20 13.03 24.04
N TYR A 59 -1.13 12.45 23.51
CA TYR A 59 -1.03 12.19 22.08
C TYR A 59 -2.12 11.19 21.69
N TRP A 60 -2.14 10.04 22.36
CA TRP A 60 -3.07 8.99 22.00
C TRP A 60 -4.52 9.45 22.20
N ASP A 61 -4.80 10.21 23.24
CA ASP A 61 -6.17 10.78 23.45
C ASP A 61 -6.56 11.71 22.30
N GLY A 62 -5.60 12.56 21.89
CA GLY A 62 -5.88 13.49 20.79
C GLY A 62 -6.05 12.78 19.50
N GLU A 63 -5.18 11.80 19.17
CA GLU A 63 -5.33 11.10 17.90
C GLU A 63 -6.63 10.29 17.82
N THR A 64 -7.02 9.73 18.95
CA THR A 64 -8.27 9.00 19.05
C THR A 64 -9.46 9.94 18.80
N ARG A 65 -9.41 11.11 19.45
CA ARG A 65 -10.47 12.12 19.31
C ARG A 65 -10.58 12.53 17.82
N LYS A 66 -9.43 12.87 17.22
CA LYS A 66 -9.45 13.29 15.81
C LYS A 66 -9.90 12.18 14.89
N VAL A 67 -9.44 10.96 15.12
CA VAL A 67 -9.78 9.93 14.19
C VAL A 67 -11.26 9.58 14.24
N LYS A 68 -11.85 9.70 15.42
CA LYS A 68 -13.32 9.49 15.55
C LYS A 68 -14.08 10.59 14.85
N ALA A 69 -13.55 11.82 14.90
CA ALA A 69 -14.14 12.95 14.20
C ALA A 69 -14.08 12.68 12.67
N HIS A 70 -12.97 12.14 12.19
CA HIS A 70 -12.87 11.78 10.78
C HIS A 70 -13.93 10.72 10.42
N SER A 71 -14.06 9.68 11.28
CA SER A 71 -15.04 8.64 11.09
C SER A 71 -16.44 9.21 10.96
N GLN A 72 -16.81 10.12 11.84
N GLN A 72 -16.80 10.12 11.86
CA GLN A 72 -18.17 10.65 11.78
CA GLN A 72 -18.17 10.70 11.79
C GLN A 72 -18.37 11.54 10.52
C GLN A 72 -18.35 11.52 10.51
N THR A 73 -17.33 12.30 10.15
CA THR A 73 -17.41 13.01 8.85
C THR A 73 -17.68 12.09 7.67
N HIS A 74 -16.95 10.98 7.61
CA HIS A 74 -17.15 10.02 6.54
C HIS A 74 -18.57 9.42 6.59
N ARG A 75 -19.07 9.14 7.81
CA ARG A 75 -20.42 8.58 7.91
C ARG A 75 -21.43 9.57 7.28
N VAL A 76 -21.39 10.85 7.65
N VAL A 76 -21.34 10.82 7.68
CA VAL A 76 -22.38 11.82 7.08
CA VAL A 76 -22.22 11.84 7.19
C VAL A 76 -22.12 12.04 5.60
C VAL A 76 -22.09 12.01 5.67
N ASP A 77 -20.86 12.08 5.22
CA ASP A 77 -20.53 12.18 3.76
C ASP A 77 -21.12 11.08 2.92
N LEU A 78 -21.07 9.84 3.43
CA LEU A 78 -21.76 8.76 2.70
C LEU A 78 -23.21 9.06 2.48
N GLY A 79 -23.88 9.59 3.47
CA GLY A 79 -25.24 9.94 3.28
C GLY A 79 -25.48 11.11 2.31
N THR A 80 -24.63 12.12 2.41
CA THR A 80 -24.70 13.27 1.50
C THR A 80 -24.51 12.84 0.07
N LEU A 81 -23.52 11.98 -0.16
CA LEU A 81 -23.23 11.53 -1.51
C LEU A 81 -24.37 10.66 -2.08
N ARG A 82 -24.95 9.79 -1.26
CA ARG A 82 -26.05 8.94 -1.69
C ARG A 82 -27.17 9.86 -2.22
N GLY A 83 -27.41 10.97 -1.53
CA GLY A 83 -28.38 11.94 -1.98
C GLY A 83 -28.00 12.65 -3.25
N TYR A 84 -26.75 13.12 -3.30
CA TYR A 84 -26.24 13.82 -4.52
C TYR A 84 -26.36 12.93 -5.76
N TYR A 85 -26.12 11.62 -5.64
CA TYR A 85 -26.16 10.69 -6.79
C TYR A 85 -27.48 9.94 -6.92
N ASN A 86 -28.47 10.34 -6.14
CA ASN A 86 -29.78 9.75 -6.20
C ASN A 86 -29.80 8.22 -6.10
N GLN A 87 -29.03 7.70 -5.14
CA GLN A 87 -28.86 6.28 -4.97
C GLN A 87 -29.74 5.80 -3.83
N SER A 88 -30.08 4.52 -3.86
CA SER A 88 -30.91 4.02 -2.80
C SER A 88 -30.11 3.73 -1.55
N GLU A 89 -30.85 3.55 -0.48
CA GLU A 89 -30.34 3.15 0.81
C GLU A 89 -29.89 1.71 0.85
N ALA A 90 -30.12 0.91 -0.20
CA ALA A 90 -29.89 -0.54 -0.14
C ALA A 90 -28.47 -1.04 -0.40
N GLY A 91 -27.69 -0.25 -1.10
CA GLY A 91 -26.37 -0.67 -1.55
C GLY A 91 -25.24 -0.11 -0.72
N SER A 92 -24.14 -0.84 -0.70
CA SER A 92 -22.94 -0.41 -0.01
C SER A 92 -22.14 0.53 -0.93
N HIS A 93 -21.61 1.57 -0.35
CA HIS A 93 -20.79 2.53 -1.06
C HIS A 93 -19.50 2.81 -0.26
N THR A 94 -18.52 3.42 -0.94
CA THR A 94 -17.22 3.65 -0.34
C THR A 94 -16.75 5.09 -0.47
N VAL A 95 -16.24 5.69 0.60
CA VAL A 95 -15.42 6.91 0.51
C VAL A 95 -13.99 6.60 0.87
N GLN A 96 -13.07 7.22 0.14
CA GLN A 96 -11.62 7.16 0.45
C GLN A 96 -11.05 8.55 0.48
N ARG A 97 -10.13 8.79 1.43
CA ARG A 97 -9.51 10.06 1.61
C ARG A 97 -8.03 9.80 1.89
N MET A 98 -7.19 10.62 1.30
CA MET A 98 -5.75 10.57 1.60
C MET A 98 -5.25 11.98 1.70
N TYR A 99 -4.43 12.27 2.74
CA TYR A 99 -3.77 13.53 2.81
C TYR A 99 -2.41 13.38 3.44
N GLY A 100 -1.64 14.43 3.26
CA GLY A 100 -0.31 14.49 3.91
C GLY A 100 0.67 15.42 3.25
N CYS A 101 1.97 15.28 3.60
CA CYS A 101 2.95 16.26 3.24
C CYS A 101 4.26 15.62 2.93
N ASP A 102 5.03 16.24 2.03
CA ASP A 102 6.39 15.80 1.68
C ASP A 102 7.35 16.88 2.12
N VAL A 103 8.54 16.44 2.55
CA VAL A 103 9.68 17.37 2.82
C VAL A 103 10.78 16.90 1.92
N GLY A 104 11.65 17.85 1.54
CA GLY A 104 12.78 17.49 0.76
C GLY A 104 13.95 17.05 1.63
N SER A 105 15.10 16.86 0.96
CA SER A 105 16.30 16.37 1.58
C SER A 105 16.73 17.16 2.86
N ASP A 106 16.52 18.45 2.75
CA ASP A 106 16.74 19.40 3.84
C ASP A 106 15.56 19.69 4.77
N TRP A 107 14.60 18.81 4.78
CA TRP A 107 13.53 18.78 5.74
C TRP A 107 12.59 19.97 5.56
N ARG A 108 12.68 20.76 4.49
CA ARG A 108 11.70 21.83 4.34
C ARG A 108 10.49 21.27 3.58
N PHE A 109 9.35 21.91 3.81
CA PHE A 109 8.13 21.60 3.10
C PHE A 109 8.41 21.57 1.62
N LEU A 110 7.93 20.54 0.96
CA LEU A 110 7.97 20.44 -0.47
C LEU A 110 6.59 20.46 -1.18
N ARG A 111 5.68 19.61 -0.72
CA ARG A 111 4.35 19.42 -1.32
CA ARG A 111 4.36 19.50 -1.34
C ARG A 111 3.36 19.01 -0.26
N GLY A 112 2.09 19.38 -0.44
CA GLY A 112 1.01 18.81 0.33
C GLY A 112 -0.08 18.28 -0.58
N TYR A 113 -1.02 17.54 0.01
N TYR A 113 -0.92 17.38 -0.01
CA TYR A 113 -2.05 16.97 -0.79
CA TYR A 113 -1.92 16.59 -0.74
C TYR A 113 -3.21 16.49 0.05
C TYR A 113 -3.22 16.54 0.09
N HIS A 114 -4.37 16.54 -0.55
CA HIS A 114 -5.60 16.10 0.07
C HIS A 114 -6.57 15.65 -1.03
N GLN A 115 -6.92 14.39 -1.10
CA GLN A 115 -7.72 13.86 -2.22
C GLN A 115 -8.84 13.05 -1.65
N TYR A 116 -9.97 13.05 -2.31
CA TYR A 116 -11.19 12.33 -1.87
C TYR A 116 -11.89 11.68 -3.00
N ALA A 117 -12.32 10.43 -2.77
CA ALA A 117 -12.97 9.64 -3.81
C ALA A 117 -14.26 9.03 -3.32
N TYR A 118 -15.21 8.83 -4.23
CA TYR A 118 -16.45 8.12 -3.98
C TYR A 118 -16.56 6.97 -4.91
N ASP A 119 -16.79 5.78 -4.35
CA ASP A 119 -16.90 4.52 -5.13
C ASP A 119 -15.71 4.28 -6.09
N GLY A 120 -14.53 4.67 -5.63
CA GLY A 120 -13.28 4.38 -6.30
C GLY A 120 -12.98 5.32 -7.48
N LYS A 121 -13.66 6.44 -7.56
CA LYS A 121 -13.39 7.44 -8.58
C LYS A 121 -13.14 8.77 -7.89
N ASP A 122 -12.34 9.59 -8.54
CA ASP A 122 -12.07 10.92 -8.07
C ASP A 122 -13.37 11.64 -7.79
N TYR A 123 -13.41 12.34 -6.65
CA TYR A 123 -14.50 13.28 -6.32
C TYR A 123 -13.98 14.73 -6.24
N ILE A 124 -13.14 15.03 -5.22
CA ILE A 124 -12.59 16.35 -5.14
C ILE A 124 -11.18 16.23 -4.55
N ALA A 125 -10.29 17.10 -5.00
CA ALA A 125 -8.94 17.10 -4.52
C ALA A 125 -8.43 18.50 -4.45
N LEU A 126 -7.54 18.75 -3.51
CA LEU A 126 -6.85 20.05 -3.49
C LEU A 126 -5.82 20.06 -4.62
N LYS A 127 -5.68 21.21 -5.30
CA LYS A 127 -4.63 21.37 -6.30
C LYS A 127 -3.27 21.46 -5.63
N GLU A 128 -2.20 21.27 -6.39
CA GLU A 128 -0.85 21.32 -5.84
C GLU A 128 -0.55 22.58 -5.09
N ASP A 129 -1.10 23.71 -5.55
CA ASP A 129 -0.93 24.98 -4.88
C ASP A 129 -1.62 25.16 -3.51
N LEU A 130 -2.45 24.19 -3.15
CA LEU A 130 -3.18 24.17 -1.93
C LEU A 130 -4.17 25.35 -1.79
N ARG A 131 -4.58 25.92 -2.90
CA ARG A 131 -5.40 27.14 -2.92
CA ARG A 131 -5.45 27.09 -2.81
C ARG A 131 -6.78 26.94 -3.53
N SER A 132 -6.94 25.91 -4.33
CA SER A 132 -8.23 25.66 -4.99
C SER A 132 -8.42 24.17 -5.18
N TRP A 133 -9.58 23.78 -5.71
CA TRP A 133 -10.02 22.37 -5.73
C TRP A 133 -10.24 21.96 -7.14
N THR A 134 -10.01 20.69 -7.40
CA THR A 134 -10.33 20.04 -8.63
C THR A 134 -11.58 19.17 -8.33
N ALA A 135 -12.70 19.51 -8.95
CA ALA A 135 -13.94 18.79 -8.78
C ALA A 135 -14.17 18.01 -10.06
N ALA A 136 -14.43 16.71 -9.93
CA ALA A 136 -14.58 15.84 -11.13
C ALA A 136 -15.89 15.93 -11.81
N ASP A 137 -16.96 16.33 -11.12
CA ASP A 137 -18.29 16.34 -11.68
C ASP A 137 -19.13 17.43 -11.01
N MET A 138 -20.40 17.49 -11.34
CA MET A 138 -21.22 18.60 -10.87
C MET A 138 -21.57 18.43 -9.38
N ALA A 139 -21.67 17.23 -8.87
CA ALA A 139 -21.79 17.03 -7.43
C ALA A 139 -20.56 17.65 -6.70
N ALA A 140 -19.38 17.25 -7.12
CA ALA A 140 -18.18 17.76 -6.50
C ALA A 140 -18.05 19.26 -6.70
N GLN A 141 -18.58 19.78 -7.80
CA GLN A 141 -18.57 21.22 -8.05
C GLN A 141 -19.38 21.94 -6.95
N THR A 142 -20.49 21.34 -6.53
CA THR A 142 -21.26 22.01 -5.43
C THR A 142 -20.49 21.97 -4.10
N THR A 143 -19.76 20.89 -3.87
CA THR A 143 -18.82 20.79 -2.73
C THR A 143 -17.76 21.88 -2.80
N LYS A 144 -17.12 22.02 -3.96
CA LYS A 144 -16.14 23.06 -4.18
C LYS A 144 -16.66 24.45 -3.81
N HIS A 145 -17.86 24.80 -4.29
CA HIS A 145 -18.38 26.15 -4.01
C HIS A 145 -18.64 26.38 -2.51
N LYS A 146 -19.12 25.35 -1.86
CA LYS A 146 -19.35 25.42 -0.44
C LYS A 146 -18.01 25.59 0.32
N TRP A 147 -17.05 24.76 -0.05
CA TRP A 147 -15.75 24.75 0.66
C TRP A 147 -14.96 26.02 0.36
N GLU A 148 -15.15 26.60 -0.83
CA GLU A 148 -14.59 27.91 -1.11
C GLU A 148 -15.11 28.99 -0.18
N ALA A 149 -16.44 29.04 -0.05
CA ALA A 149 -17.04 30.13 0.73
C ALA A 149 -16.68 29.98 2.23
N ALA A 150 -16.41 28.77 2.68
CA ALA A 150 -16.06 28.45 4.08
C ALA A 150 -14.53 28.41 4.34
N HIS A 151 -13.71 28.69 3.33
CA HIS A 151 -12.25 28.75 3.52
C HIS A 151 -11.63 27.45 4.02
N VAL A 152 -12.13 26.33 3.50
CA VAL A 152 -11.66 25.05 3.87
C VAL A 152 -10.23 24.78 3.38
N ALA A 153 -9.91 25.27 2.17
CA ALA A 153 -8.54 25.09 1.65
C ALA A 153 -7.55 25.82 2.50
N GLU A 154 -7.89 27.01 2.95
CA GLU A 154 -6.94 27.80 3.73
C GLU A 154 -6.56 27.07 5.03
N GLN A 155 -7.52 26.44 5.69
CA GLN A 155 -7.27 25.84 6.97
C GLN A 155 -6.47 24.54 6.77
N LEU A 156 -6.78 23.84 5.70
CA LEU A 156 -6.03 22.64 5.31
C LEU A 156 -4.58 23.00 4.90
N ARG A 157 -4.43 24.07 4.13
CA ARG A 157 -3.07 24.48 3.74
CA ARG A 157 -3.08 24.55 3.74
C ARG A 157 -2.22 24.78 4.97
N ALA A 158 -2.77 25.42 5.99
CA ALA A 158 -2.00 25.77 7.16
C ALA A 158 -1.49 24.48 7.87
N TYR A 159 -2.33 23.47 7.96
CA TYR A 159 -1.92 22.14 8.48
C TYR A 159 -0.84 21.53 7.63
N LEU A 160 -1.08 21.46 6.34
CA LEU A 160 -0.16 20.73 5.44
C LEU A 160 1.23 21.31 5.32
N GLU A 161 1.30 22.64 5.34
CA GLU A 161 2.60 23.33 5.30
C GLU A 161 3.26 23.49 6.66
N GLY A 162 2.51 23.30 7.76
CA GLY A 162 2.93 23.69 9.08
C GLY A 162 2.98 22.48 9.98
N THR A 163 1.90 22.23 10.70
CA THR A 163 1.92 21.18 11.68
C THR A 163 2.22 19.77 11.03
N CYS A 164 1.74 19.47 9.81
CA CYS A 164 2.03 18.19 9.21
C CYS A 164 3.58 17.98 9.11
N VAL A 165 4.26 19.00 8.61
CA VAL A 165 5.72 18.97 8.44
C VAL A 165 6.43 18.85 9.80
N GLU A 166 5.91 19.57 10.78
CA GLU A 166 6.51 19.56 12.09
C GLU A 166 6.45 18.19 12.74
N TRP A 167 5.29 17.55 12.65
CA TRP A 167 5.17 16.20 13.17
C TRP A 167 6.00 15.19 12.42
N LEU A 168 6.03 15.34 11.09
CA LEU A 168 6.87 14.47 10.24
C LEU A 168 8.32 14.56 10.70
N ARG A 169 8.82 15.76 10.92
CA ARG A 169 10.21 15.92 11.37
C ARG A 169 10.43 15.27 12.76
N ARG A 170 9.45 15.46 13.65
CA ARG A 170 9.50 14.80 14.95
C ARG A 170 9.57 13.24 14.83
N TYR A 171 8.75 12.69 13.98
CA TYR A 171 8.73 11.26 13.85
C TYR A 171 10.06 10.75 13.22
N LEU A 172 10.53 11.49 12.21
CA LEU A 172 11.83 11.11 11.58
C LEU A 172 13.01 11.04 12.58
N GLU A 173 13.01 11.98 13.53
CA GLU A 173 14.02 11.98 14.54
C GLU A 173 13.83 10.84 15.54
N ASN A 174 12.61 10.71 16.06
CA ASN A 174 12.34 9.64 17.02
C ASN A 174 12.57 8.24 16.45
N GLY A 175 12.24 8.05 15.17
CA GLY A 175 12.38 6.77 14.47
C GLY A 175 13.65 6.68 13.61
N LYS A 176 14.62 7.55 13.84
CA LYS A 176 15.78 7.66 12.93
C LYS A 176 16.49 6.38 12.64
N GLU A 177 16.66 5.50 13.63
N GLU A 177 16.60 5.52 13.66
CA GLU A 177 17.48 4.30 13.39
CA GLU A 177 17.25 4.22 13.58
C GLU A 177 16.85 3.39 12.30
C GLU A 177 16.85 3.49 12.30
N THR A 178 15.57 3.54 12.00
CA THR A 178 14.97 2.84 10.88
C THR A 178 14.47 3.80 9.80
N LEU A 179 13.77 4.88 10.18
CA LEU A 179 13.20 5.78 9.16
C LEU A 179 14.22 6.52 8.29
N GLN A 180 15.42 6.74 8.84
CA GLN A 180 16.49 7.46 8.13
C GLN A 180 17.59 6.55 7.63
N ARG A 181 17.33 5.26 7.72
CA ARG A 181 18.19 4.20 7.19
C ARG A 181 17.63 3.67 5.87
N THR A 182 18.47 3.57 4.83
CA THR A 182 18.14 2.86 3.63
C THR A 182 18.65 1.42 3.75
N ASP A 183 17.84 0.47 3.30
CA ASP A 183 18.25 -0.90 3.21
C ASP A 183 18.41 -1.25 1.70
N ALA A 184 19.65 -1.33 1.25
CA ALA A 184 19.90 -1.64 -0.17
C ALA A 184 19.44 -3.05 -0.52
N PRO A 185 18.93 -3.25 -1.74
CA PRO A 185 18.45 -4.55 -2.13
C PRO A 185 19.61 -5.60 -2.12
N LYS A 186 19.28 -6.79 -1.61
CA LYS A 186 20.16 -7.96 -1.66
C LYS A 186 19.82 -8.67 -2.95
N THR A 187 20.78 -8.76 -3.84
CA THR A 187 20.47 -9.17 -5.20
C THR A 187 21.17 -10.47 -5.54
N HIS A 188 20.48 -11.27 -6.35
CA HIS A 188 21.05 -12.48 -6.95
C HIS A 188 20.32 -12.87 -8.25
N MET A 189 20.93 -13.75 -9.05
CA MET A 189 20.29 -14.24 -10.25
C MET A 189 20.09 -15.75 -10.18
N THR A 190 18.94 -16.26 -10.64
CA THR A 190 18.72 -17.71 -10.86
C THR A 190 18.59 -18.00 -12.34
N HIS A 191 18.73 -19.26 -12.69
CA HIS A 191 18.73 -19.76 -14.05
C HIS A 191 17.87 -21.01 -14.05
N HIS A 192 16.96 -21.15 -15.01
CA HIS A 192 16.06 -22.31 -15.13
C HIS A 192 16.02 -22.70 -16.57
N ALA A 193 16.14 -23.98 -16.95
CA ALA A 193 16.01 -24.36 -18.38
C ALA A 193 14.53 -24.55 -18.68
N VAL A 194 14.03 -23.81 -19.68
CA VAL A 194 12.60 -23.70 -20.04
C VAL A 194 12.25 -24.69 -21.16
N SER A 195 13.23 -25.02 -22.01
CA SER A 195 13.10 -26.02 -23.04
C SER A 195 14.53 -26.53 -23.34
N ASP A 196 14.70 -27.26 -24.42
CA ASP A 196 16.04 -27.67 -24.82
C ASP A 196 16.93 -26.45 -25.18
N HIS A 197 16.31 -25.39 -25.68
CA HIS A 197 17.05 -24.38 -26.35
C HIS A 197 16.92 -23.00 -25.72
N GLU A 198 16.18 -22.87 -24.63
CA GLU A 198 15.97 -21.58 -24.01
C GLU A 198 16.08 -21.72 -22.51
N ALA A 199 16.47 -20.63 -21.87
CA ALA A 199 16.54 -20.54 -20.43
C ALA A 199 15.91 -19.25 -19.90
N THR A 200 15.51 -19.24 -18.64
CA THR A 200 14.99 -18.05 -18.00
C THR A 200 16.02 -17.62 -16.95
N LEU A 201 16.45 -16.36 -17.02
CA LEU A 201 17.21 -15.74 -16.01
C LEU A 201 16.28 -14.89 -15.19
N ARG A 202 16.38 -14.98 -13.86
CA ARG A 202 15.56 -14.16 -13.00
C ARG A 202 16.43 -13.38 -12.02
N CYS A 203 16.32 -12.06 -12.05
CA CYS A 203 17.10 -11.15 -11.25
C CYS A 203 16.23 -10.75 -10.05
N TRP A 204 16.71 -11.07 -8.84
CA TRP A 204 16.00 -10.84 -7.57
C TRP A 204 16.54 -9.67 -6.81
N ALA A 205 15.64 -8.88 -6.24
CA ALA A 205 15.99 -7.85 -5.31
C ALA A 205 15.20 -8.05 -4.02
N LEU A 206 15.88 -8.25 -2.90
CA LEU A 206 15.24 -8.65 -1.68
C LEU A 206 15.59 -7.76 -0.53
N SER A 207 14.67 -7.69 0.43
CA SER A 207 14.92 -7.09 1.73
C SER A 207 15.32 -5.58 1.64
N PHE A 208 14.70 -4.85 0.72
CA PHE A 208 15.05 -3.45 0.54
C PHE A 208 14.03 -2.53 1.19
N TYR A 209 14.47 -1.31 1.41
CA TYR A 209 13.63 -0.21 1.93
C TYR A 209 14.30 1.09 1.57
N PRO A 210 13.61 2.08 1.01
CA PRO A 210 12.14 2.08 0.79
C PRO A 210 11.77 1.25 -0.43
N ALA A 211 10.49 1.21 -0.72
CA ALA A 211 9.94 0.38 -1.76
C ALA A 211 10.35 0.71 -3.20
N GLU A 212 10.57 1.98 -3.46
CA GLU A 212 10.92 2.46 -4.81
C GLU A 212 12.20 1.73 -5.26
N ILE A 213 12.13 1.15 -6.47
CA ILE A 213 13.27 0.44 -7.06
C ILE A 213 13.06 0.35 -8.55
N THR A 214 14.16 0.24 -9.31
CA THR A 214 14.03 -0.05 -10.75
C THR A 214 14.90 -1.26 -11.11
N LEU A 215 14.33 -2.26 -11.79
CA LEU A 215 15.07 -3.43 -12.31
C LEU A 215 14.94 -3.36 -13.79
N THR A 216 16.07 -3.40 -14.49
CA THR A 216 16.01 -3.44 -15.94
CA THR A 216 16.05 -3.37 -15.95
C THR A 216 16.98 -4.45 -16.52
N TRP A 217 16.59 -5.05 -17.63
CA TRP A 217 17.46 -6.01 -18.33
C TRP A 217 18.06 -5.31 -19.51
N GLN A 218 19.33 -5.60 -19.79
CA GLN A 218 19.99 -5.16 -21.06
C GLN A 218 20.51 -6.40 -21.80
N ARG A 219 20.50 -6.36 -23.13
N ARG A 219 20.61 -6.30 -23.11
CA ARG A 219 21.23 -7.34 -23.94
CA ARG A 219 21.15 -7.32 -23.99
C ARG A 219 22.27 -6.58 -24.73
C ARG A 219 22.24 -6.61 -24.77
N ASP A 220 23.51 -7.03 -24.63
CA ASP A 220 24.65 -6.38 -25.33
C ASP A 220 24.67 -4.85 -25.02
N GLY A 221 24.38 -4.50 -23.76
CA GLY A 221 24.39 -3.12 -23.31
C GLY A 221 23.25 -2.20 -23.76
N GLU A 222 22.14 -2.75 -24.26
CA GLU A 222 20.95 -1.98 -24.58
C GLU A 222 19.73 -2.54 -23.86
N ASP A 223 18.86 -1.69 -23.34
CA ASP A 223 17.63 -2.13 -22.68
C ASP A 223 16.76 -3.09 -23.51
N GLN A 224 16.23 -4.12 -22.83
CA GLN A 224 15.38 -5.15 -23.41
C GLN A 224 14.15 -5.29 -22.58
N THR A 225 12.99 -5.17 -23.23
CA THR A 225 11.70 -5.44 -22.58
C THR A 225 10.97 -6.63 -23.19
N GLN A 226 11.21 -6.94 -24.48
CA GLN A 226 10.60 -8.15 -25.06
C GLN A 226 11.15 -9.38 -24.35
N ASP A 227 10.29 -10.37 -24.16
CA ASP A 227 10.61 -11.63 -23.50
C ASP A 227 11.01 -11.44 -22.05
N THR A 228 10.52 -10.35 -21.45
CA THR A 228 10.74 -10.14 -20.02
C THR A 228 9.43 -10.17 -19.25
N GLU A 229 9.58 -10.34 -17.96
CA GLU A 229 8.48 -10.19 -17.00
C GLU A 229 8.99 -9.54 -15.73
N LEU A 230 8.25 -8.54 -15.23
CA LEU A 230 8.60 -7.75 -14.06
C LEU A 230 7.40 -7.80 -13.14
N VAL A 231 7.55 -8.43 -11.95
CA VAL A 231 6.44 -8.50 -10.94
C VAL A 231 6.34 -7.21 -10.20
N GLU A 232 5.15 -6.88 -9.75
N GLU A 232 5.12 -6.90 -9.75
CA GLU A 232 5.00 -5.69 -8.96
CA GLU A 232 4.86 -5.73 -8.89
C GLU A 232 5.72 -5.86 -7.61
C GLU A 232 5.70 -5.88 -7.58
N THR A 233 6.26 -4.78 -7.13
CA THR A 233 6.95 -4.68 -5.82
C THR A 233 5.97 -5.10 -4.74
N ARG A 234 6.44 -6.01 -3.88
CA ARG A 234 5.57 -6.66 -2.88
C ARG A 234 6.22 -6.63 -1.49
N PRO A 235 5.41 -6.53 -0.45
CA PRO A 235 5.98 -6.50 0.86
C PRO A 235 6.48 -7.88 1.35
N ALA A 236 7.64 -7.91 2.01
CA ALA A 236 8.07 -9.15 2.58
C ALA A 236 7.33 -9.49 3.88
N GLY A 237 6.77 -8.50 4.57
CA GLY A 237 6.10 -8.66 5.83
C GLY A 237 6.87 -8.27 7.07
N ASP A 238 8.14 -7.97 6.89
CA ASP A 238 9.05 -7.57 7.96
C ASP A 238 9.43 -6.09 7.80
N GLY A 239 8.68 -5.38 6.97
CA GLY A 239 8.95 -3.97 6.75
C GLY A 239 9.73 -3.66 5.49
N THR A 240 10.33 -4.67 4.89
CA THR A 240 11.05 -4.54 3.63
C THR A 240 10.23 -5.03 2.45
N PHE A 241 10.80 -4.89 1.25
CA PHE A 241 10.17 -5.16 0.00
C PHE A 241 10.96 -6.11 -0.87
N GLN A 242 10.29 -6.64 -1.91
CA GLN A 242 10.87 -7.61 -2.79
C GLN A 242 10.43 -7.30 -4.22
N LYS A 243 11.26 -7.67 -5.20
CA LYS A 243 10.84 -7.56 -6.60
C LYS A 243 11.71 -8.49 -7.42
N TRP A 244 11.24 -8.95 -8.57
CA TRP A 244 12.10 -9.63 -9.49
C TRP A 244 11.75 -9.30 -10.92
N ALA A 245 12.73 -9.53 -11.78
CA ALA A 245 12.55 -9.32 -13.21
C ALA A 245 13.19 -10.53 -13.89
N ALA A 246 12.52 -11.08 -14.94
CA ALA A 246 13.04 -12.26 -15.61
C ALA A 246 13.10 -12.03 -17.13
N VAL A 247 13.98 -12.75 -17.75
CA VAL A 247 14.14 -12.70 -19.22
C VAL A 247 14.35 -14.09 -19.75
N VAL A 248 13.77 -14.39 -20.90
CA VAL A 248 13.98 -15.63 -21.57
C VAL A 248 15.07 -15.42 -22.66
N VAL A 249 16.10 -16.29 -22.68
CA VAL A 249 17.25 -16.12 -23.57
C VAL A 249 17.58 -17.43 -24.26
N PRO A 250 18.22 -17.38 -25.44
CA PRO A 250 18.74 -18.59 -26.05
C PRO A 250 19.80 -19.24 -25.15
N SER A 251 19.66 -20.56 -25.00
CA SER A 251 20.59 -21.27 -24.13
C SER A 251 21.96 -21.10 -24.74
N GLY A 252 22.91 -20.76 -23.87
CA GLY A 252 24.24 -20.52 -24.30
C GLY A 252 24.58 -19.04 -24.46
N GLN A 253 23.58 -18.18 -24.50
CA GLN A 253 23.80 -16.75 -24.70
C GLN A 253 23.58 -15.93 -23.47
N GLU A 254 23.55 -16.58 -22.30
CA GLU A 254 23.31 -15.94 -21.04
C GLU A 254 24.25 -14.75 -20.75
N GLN A 255 25.50 -14.84 -21.16
CA GLN A 255 26.48 -13.78 -20.91
C GLN A 255 26.21 -12.42 -21.58
N ARG A 256 25.32 -12.38 -22.57
CA ARG A 256 24.97 -11.13 -23.21
C ARG A 256 24.03 -10.28 -22.37
N TYR A 257 23.41 -10.86 -21.35
CA TYR A 257 22.34 -10.23 -20.63
C TYR A 257 22.81 -9.75 -19.25
N THR A 258 22.43 -8.52 -18.90
CA THR A 258 22.72 -7.96 -17.58
C THR A 258 21.52 -7.35 -16.96
N CYS A 259 21.40 -7.53 -15.63
CA CYS A 259 20.31 -6.98 -14.84
C CYS A 259 20.82 -5.75 -14.09
N HIS A 260 20.08 -4.67 -14.19
CA HIS A 260 20.53 -3.38 -13.63
C HIS A 260 19.59 -2.97 -12.53
N VAL A 261 20.15 -2.70 -11.34
CA VAL A 261 19.33 -2.40 -10.15
C VAL A 261 19.61 -1.03 -9.63
N GLN A 262 18.60 -0.18 -9.59
CA GLN A 262 18.72 1.15 -9.07
C GLN A 262 17.84 1.28 -7.81
N HIS A 263 18.41 1.87 -6.77
CA HIS A 263 17.79 2.05 -5.49
C HIS A 263 18.50 3.11 -4.66
N GLU A 264 17.72 3.84 -3.83
CA GLU A 264 18.25 4.98 -3.09
C GLU A 264 19.43 4.57 -2.17
N GLY A 265 19.35 3.32 -1.72
CA GLY A 265 20.35 2.68 -0.86
C GLY A 265 21.63 2.23 -1.54
N LEU A 266 21.71 2.37 -2.86
CA LEU A 266 22.89 2.02 -3.63
C LEU A 266 23.57 3.32 -4.04
N PRO A 267 24.83 3.52 -3.62
CA PRO A 267 25.63 4.63 -4.12
C PRO A 267 25.72 4.64 -5.65
N LYS A 268 25.84 3.48 -6.27
CA LYS A 268 25.82 3.36 -7.72
C LYS A 268 24.95 2.18 -8.07
N PRO A 269 24.26 2.24 -9.21
CA PRO A 269 23.49 1.05 -9.55
C PRO A 269 24.33 -0.22 -9.67
N LEU A 270 23.72 -1.36 -9.31
CA LEU A 270 24.35 -2.68 -9.48
C LEU A 270 24.07 -3.27 -10.84
N THR A 271 25.02 -4.05 -11.33
CA THR A 271 24.85 -4.82 -12.57
C THR A 271 25.13 -6.26 -12.19
N LEU A 272 24.23 -7.18 -12.52
CA LEU A 272 24.40 -8.60 -12.29
C LEU A 272 24.48 -9.29 -13.68
N ARG A 273 25.28 -10.35 -13.77
CA ARG A 273 25.43 -11.15 -15.03
C ARG A 273 25.45 -12.61 -14.58
N TRP A 274 24.96 -13.52 -15.41
CA TRP A 274 24.97 -14.94 -15.04
C TRP A 274 26.41 -15.47 -15.11
N GLU A 275 26.93 -15.90 -13.98
CA GLU A 275 28.36 -16.22 -13.82
C GLU A 275 28.68 -17.71 -13.49
N PRO A 276 27.79 -18.45 -12.77
CA PRO A 276 28.07 -19.90 -12.71
C PRO A 276 28.30 -20.57 -14.08
N ILE B 1 -16.91 0.28 -12.30
CA ILE B 1 -16.63 0.57 -10.85
C ILE B 1 -15.97 -0.60 -10.10
N GLN B 2 -15.70 -1.73 -10.80
CA GLN B 2 -15.16 -2.94 -10.14
C GLN B 2 -13.87 -3.40 -10.78
N ARG B 3 -12.89 -3.67 -9.94
CA ARG B 3 -11.58 -4.06 -10.39
C ARG B 3 -11.18 -5.35 -9.69
N THR B 4 -10.70 -6.32 -10.45
CA THR B 4 -10.37 -7.66 -9.94
C THR B 4 -9.00 -7.69 -9.27
N PRO B 5 -8.81 -8.48 -8.21
CA PRO B 5 -7.52 -8.45 -7.55
C PRO B 5 -6.40 -9.13 -8.37
N LYS B 6 -5.22 -8.54 -8.26
CA LYS B 6 -3.93 -9.16 -8.62
C LYS B 6 -3.51 -9.95 -7.39
N ILE B 7 -2.87 -11.08 -7.60
CA ILE B 7 -2.51 -11.98 -6.53
C ILE B 7 -1.06 -12.44 -6.69
N GLN B 8 -0.26 -12.32 -5.66
CA GLN B 8 1.06 -12.96 -5.62
C GLN B 8 1.13 -13.78 -4.35
N VAL B 9 1.62 -15.03 -4.48
CA VAL B 9 1.81 -15.93 -3.35
C VAL B 9 3.30 -16.27 -3.27
N TYR B 10 3.91 -16.07 -2.11
CA TYR B 10 5.38 -16.12 -2.00
C TYR B 10 5.75 -16.23 -0.54
N SER B 11 7.00 -16.66 -0.31
CA SER B 11 7.57 -16.70 1.04
C SER B 11 8.34 -15.46 1.36
N ARG B 12 8.40 -15.16 2.64
CA ARG B 12 9.23 -14.04 3.08
C ARG B 12 10.68 -14.25 2.79
N HIS B 13 11.19 -15.43 3.13
CA HIS B 13 12.57 -15.77 2.92
C HIS B 13 12.69 -16.83 1.88
N PRO B 14 13.88 -16.95 1.22
CA PRO B 14 14.09 -18.05 0.30
C PRO B 14 13.80 -19.33 0.98
N ALA B 15 13.01 -20.20 0.38
CA ALA B 15 12.51 -21.35 1.08
C ALA B 15 13.52 -22.46 1.14
N GLU B 16 13.67 -23.05 2.32
CA GLU B 16 14.46 -24.25 2.52
C GLU B 16 13.59 -25.22 3.28
N ASN B 17 13.51 -26.45 2.80
CA ASN B 17 12.63 -27.42 3.41
C ASN B 17 13.04 -27.65 4.85
N GLY B 18 12.06 -27.73 5.73
CA GLY B 18 12.28 -27.88 7.14
C GLY B 18 12.60 -26.64 7.98
N LYS B 19 12.84 -25.50 7.36
CA LYS B 19 13.12 -24.27 8.09
C LYS B 19 11.90 -23.36 8.09
N SER B 20 11.51 -22.91 9.29
CA SER B 20 10.35 -22.03 9.55
C SER B 20 10.47 -20.74 8.67
N ASN B 21 9.36 -20.26 8.18
CA ASN B 21 9.29 -19.16 7.20
C ASN B 21 7.91 -18.52 7.36
N PHE B 22 7.58 -17.60 6.47
CA PHE B 22 6.27 -16.95 6.44
C PHE B 22 5.72 -17.08 5.04
N LEU B 23 4.44 -17.44 4.90
CA LEU B 23 3.80 -17.54 3.62
C LEU B 23 2.93 -16.30 3.49
N ASN B 24 3.06 -15.63 2.37
CA ASN B 24 2.41 -14.38 2.09
C ASN B 24 1.46 -14.54 0.90
N CYS B 25 0.29 -13.91 0.96
CA CYS B 25 -0.57 -13.72 -0.18
C CYS B 25 -0.88 -12.21 -0.28
N TYR B 26 -0.37 -11.58 -1.33
CA TYR B 26 -0.48 -10.14 -1.54
C TYR B 26 -1.52 -9.88 -2.58
N VAL B 27 -2.61 -9.21 -2.18
CA VAL B 27 -3.73 -8.95 -3.08
C VAL B 27 -3.79 -7.47 -3.29
N SER B 28 -3.91 -7.04 -4.53
CA SER B 28 -3.83 -5.64 -4.81
C SER B 28 -4.65 -5.27 -6.03
N GLY B 29 -4.88 -3.97 -6.27
CA GLY B 29 -5.52 -3.54 -7.50
C GLY B 29 -7.02 -3.76 -7.55
N PHE B 30 -7.65 -4.00 -6.39
CA PHE B 30 -9.07 -4.38 -6.38
C PHE B 30 -9.98 -3.27 -5.85
N HIS B 31 -11.23 -3.34 -6.27
CA HIS B 31 -12.26 -2.44 -5.78
C HIS B 31 -13.59 -3.17 -6.06
N PRO B 32 -14.57 -3.17 -5.15
CA PRO B 32 -14.52 -2.59 -3.80
C PRO B 32 -13.69 -3.39 -2.83
N SER B 33 -13.61 -2.95 -1.57
CA SER B 33 -12.65 -3.49 -0.61
C SER B 33 -13.04 -4.85 -0.01
N ASP B 34 -14.30 -5.23 -0.01
CA ASP B 34 -14.66 -6.51 0.62
C ASP B 34 -14.00 -7.64 -0.23
N ILE B 35 -13.31 -8.55 0.44
CA ILE B 35 -12.55 -9.60 -0.21
C ILE B 35 -12.37 -10.71 0.82
N GLU B 36 -12.34 -11.93 0.33
CA GLU B 36 -12.09 -13.09 1.20
C GLU B 36 -10.80 -13.65 0.76
N VAL B 37 -9.85 -13.81 1.68
CA VAL B 37 -8.53 -14.38 1.33
C VAL B 37 -8.21 -15.48 2.37
N ASP B 38 -7.95 -16.68 1.88
CA ASP B 38 -7.47 -17.77 2.74
C ASP B 38 -6.13 -18.26 2.23
N LEU B 39 -5.28 -18.72 3.16
CA LEU B 39 -4.07 -19.51 2.80
C LEU B 39 -4.41 -20.98 3.03
N LEU B 40 -3.97 -21.85 2.13
CA LEU B 40 -4.31 -23.26 2.17
C LEU B 40 -3.06 -24.10 2.27
N LYS B 41 -3.16 -25.18 3.03
CA LYS B 41 -2.11 -26.22 3.13
C LYS B 41 -2.78 -27.49 2.70
N ASN B 42 -2.32 -28.05 1.60
CA ASN B 42 -2.91 -29.25 1.02
C ASN B 42 -4.43 -29.12 0.91
N GLY B 43 -4.86 -27.99 0.34
CA GLY B 43 -6.27 -27.80 0.10
C GLY B 43 -7.08 -27.28 1.27
N GLU B 44 -6.53 -27.25 2.49
CA GLU B 44 -7.27 -26.88 3.70
C GLU B 44 -6.92 -25.53 4.33
N ARG B 45 -7.95 -24.80 4.76
CA ARG B 45 -7.75 -23.42 5.18
C ARG B 45 -6.87 -23.38 6.42
N ILE B 46 -5.88 -22.49 6.45
CA ILE B 46 -5.04 -22.30 7.61
C ILE B 46 -5.71 -21.34 8.58
N GLU B 47 -5.84 -21.71 9.85
CA GLU B 47 -6.54 -20.89 10.82
C GLU B 47 -5.82 -19.63 11.32
N LYS B 48 -4.54 -19.73 11.62
N LYS B 48 -4.51 -19.67 11.58
CA LYS B 48 -3.82 -18.60 12.21
CA LYS B 48 -3.81 -18.52 12.28
C LYS B 48 -3.20 -17.78 11.06
C LYS B 48 -3.42 -17.28 11.43
N VAL B 49 -4.09 -17.10 10.32
CA VAL B 49 -3.69 -16.13 9.28
C VAL B 49 -4.08 -14.72 9.70
N GLU B 50 -3.14 -13.80 9.53
CA GLU B 50 -3.38 -12.40 9.83
C GLU B 50 -3.27 -11.59 8.57
N HIS B 51 -3.73 -10.33 8.62
CA HIS B 51 -3.58 -9.47 7.49
C HIS B 51 -3.29 -8.04 7.94
N SER B 52 -2.70 -7.32 6.98
CA SER B 52 -2.42 -5.87 7.09
C SER B 52 -3.65 -5.04 7.11
N ASP B 53 -3.51 -3.83 7.65
CA ASP B 53 -4.62 -2.90 7.62
C ASP B 53 -4.87 -2.37 6.21
N LEU B 54 -6.13 -2.39 5.79
CA LEU B 54 -6.53 -1.88 4.48
C LEU B 54 -5.93 -0.49 4.13
N SER B 55 -5.29 -0.41 2.96
CA SER B 55 -4.81 0.83 2.39
C SER B 55 -5.01 0.78 0.87
N PHE B 56 -4.67 1.87 0.21
CA PHE B 56 -4.93 1.94 -1.20
C PHE B 56 -3.88 2.74 -1.92
N SER B 57 -3.89 2.57 -3.23
CA SER B 57 -2.91 3.19 -4.14
C SER B 57 -3.46 4.50 -4.72
N LYS B 58 -2.63 5.14 -5.59
CA LYS B 58 -3.01 6.38 -6.23
C LYS B 58 -4.32 6.30 -7.04
N ASP B 59 -4.55 5.15 -7.69
CA ASP B 59 -5.74 4.93 -8.50
C ASP B 59 -6.96 4.53 -7.68
N TRP B 60 -6.81 4.58 -6.35
CA TRP B 60 -7.87 4.25 -5.38
C TRP B 60 -8.06 2.75 -5.18
N SER B 61 -7.32 1.93 -5.90
CA SER B 61 -7.50 0.49 -5.70
C SER B 61 -6.80 0.07 -4.37
N PHE B 62 -7.38 -0.98 -3.78
CA PHE B 62 -6.96 -1.48 -2.46
C PHE B 62 -5.85 -2.52 -2.53
N TYR B 63 -5.15 -2.62 -1.42
CA TYR B 63 -4.21 -3.71 -1.29
C TYR B 63 -4.19 -4.19 0.14
N LEU B 64 -3.88 -5.49 0.30
CA LEU B 64 -3.80 -6.15 1.60
C LEU B 64 -2.71 -7.25 1.51
N LEU B 65 -2.01 -7.47 2.61
CA LEU B 65 -1.13 -8.63 2.78
C LEU B 65 -1.72 -9.61 3.78
N TYR B 66 -1.87 -10.85 3.37
CA TYR B 66 -2.29 -11.93 4.26
C TYR B 66 -1.11 -12.86 4.50
N TYR B 67 -0.92 -13.28 5.75
CA TYR B 67 0.32 -14.00 6.06
C TYR B 67 0.20 -14.94 7.20
N THR B 68 1.04 -15.99 7.22
CA THR B 68 1.07 -16.93 8.30
C THR B 68 2.45 -17.55 8.35
N GLU B 69 2.88 -17.95 9.55
N GLU B 69 2.83 -17.99 9.53
CA GLU B 69 4.06 -18.75 9.67
CA GLU B 69 4.05 -18.71 9.74
C GLU B 69 3.83 -20.10 8.98
C GLU B 69 3.89 -20.14 9.19
N PHE B 70 4.91 -20.68 8.48
CA PHE B 70 4.84 -22.04 7.91
C PHE B 70 6.22 -22.61 7.77
N THR B 71 6.26 -23.94 7.60
CA THR B 71 7.52 -24.64 7.44
C THR B 71 7.37 -25.42 6.16
N PRO B 72 7.98 -24.97 5.08
CA PRO B 72 7.89 -25.73 3.87
C PRO B 72 8.52 -27.11 3.96
N THR B 73 8.04 -27.98 3.07
CA THR B 73 8.58 -29.31 2.87
C THR B 73 8.50 -29.68 1.41
N GLU B 74 9.19 -30.76 1.03
N GLU B 74 9.21 -30.76 1.10
CA GLU B 74 9.20 -31.20 -0.36
CA GLU B 74 9.26 -31.34 -0.20
C GLU B 74 7.77 -31.43 -0.87
C GLU B 74 7.89 -31.59 -0.85
N LYS B 75 6.92 -32.05 -0.04
CA LYS B 75 5.61 -32.54 -0.48
C LYS B 75 4.37 -31.66 -0.18
N ASP B 76 4.43 -30.80 0.86
CA ASP B 76 3.24 -30.01 1.25
C ASP B 76 3.00 -28.96 0.19
N GLU B 77 1.76 -28.86 -0.31
CA GLU B 77 1.41 -27.84 -1.29
C GLU B 77 0.71 -26.65 -0.58
N TYR B 78 1.16 -25.43 -0.85
CA TYR B 78 0.53 -24.21 -0.33
C TYR B 78 -0.09 -23.46 -1.44
N ALA B 79 -1.16 -22.73 -1.08
CA ALA B 79 -1.88 -21.87 -2.05
C ALA B 79 -2.61 -20.74 -1.36
N CYS B 80 -3.01 -19.75 -2.16
CA CYS B 80 -3.87 -18.69 -1.69
C CYS B 80 -5.20 -18.76 -2.46
N ARG B 81 -6.31 -18.64 -1.74
CA ARG B 81 -7.63 -18.70 -2.36
C ARG B 81 -8.31 -17.37 -2.13
N VAL B 82 -8.77 -16.75 -3.23
CA VAL B 82 -9.32 -15.39 -3.17
C VAL B 82 -10.71 -15.37 -3.74
N ASN B 83 -11.66 -14.81 -2.98
CA ASN B 83 -12.98 -14.50 -3.55
C ASN B 83 -13.29 -12.98 -3.46
N HIS B 84 -13.98 -12.52 -4.46
CA HIS B 84 -14.26 -11.08 -4.67
C HIS B 84 -15.44 -11.01 -5.60
N VAL B 85 -16.17 -9.90 -5.53
CA VAL B 85 -17.37 -9.72 -6.32
C VAL B 85 -17.10 -9.83 -7.83
N THR B 86 -15.89 -9.48 -8.28
CA THR B 86 -15.49 -9.58 -9.70
C THR B 86 -15.19 -11.02 -10.16
N LEU B 87 -15.11 -11.97 -9.25
CA LEU B 87 -14.77 -13.35 -9.59
C LEU B 87 -16.02 -14.22 -9.51
N SER B 88 -16.30 -14.97 -10.57
CA SER B 88 -17.48 -15.88 -10.57
C SER B 88 -17.27 -17.11 -9.70
N GLN B 89 -16.01 -17.48 -9.50
CA GLN B 89 -15.65 -18.51 -8.55
C GLN B 89 -14.36 -18.11 -7.81
N PRO B 90 -14.14 -18.68 -6.60
CA PRO B 90 -12.85 -18.37 -5.94
C PRO B 90 -11.63 -18.76 -6.79
N LYS B 91 -10.59 -17.93 -6.77
CA LYS B 91 -9.39 -18.14 -7.59
C LYS B 91 -8.32 -18.67 -6.68
N ILE B 92 -7.67 -19.78 -7.08
CA ILE B 92 -6.60 -20.40 -6.28
C ILE B 92 -5.32 -20.19 -7.03
N VAL B 93 -4.33 -19.59 -6.37
CA VAL B 93 -3.01 -19.43 -6.94
C VAL B 93 -2.06 -20.25 -6.06
N LYS B 94 -1.33 -21.14 -6.72
CA LYS B 94 -0.41 -22.03 -6.02
C LYS B 94 0.90 -21.34 -5.70
N TRP B 95 1.49 -21.67 -4.55
CA TRP B 95 2.82 -21.19 -4.22
C TRP B 95 3.88 -21.91 -5.07
N ASP B 96 4.73 -21.15 -5.77
CA ASP B 96 5.89 -21.67 -6.49
C ASP B 96 7.12 -21.03 -5.85
N ARG B 97 8.02 -21.84 -5.30
CA ARG B 97 9.19 -21.27 -4.55
C ARG B 97 10.19 -20.43 -5.40
N ASP B 98 10.13 -20.52 -6.74
CA ASP B 98 11.04 -19.74 -7.61
C ASP B 98 10.42 -18.44 -8.09
N MET B 99 9.34 -17.99 -7.43
CA MET B 99 8.58 -16.83 -7.88
C MET B 99 8.05 -15.96 -6.74
N SER C 1 0.71 13.40 13.17
CA SER C 1 -0.54 13.84 13.91
C SER C 1 -1.61 14.23 12.92
N LEU C 2 -2.83 13.72 13.15
CA LEU C 2 -3.98 14.03 12.31
C LEU C 2 -4.39 15.52 12.27
N TYR C 3 -4.98 15.90 11.14
CA TYR C 3 -5.64 17.21 11.01
C TYR C 3 -6.82 17.37 11.96
N ASN C 4 -6.94 18.51 12.60
CA ASN C 4 -7.90 18.74 13.69
C ASN C 4 -9.26 19.29 13.23
N THR C 5 -9.35 19.75 11.99
CA THR C 5 -10.58 20.48 11.55
C THR C 5 -11.09 20.00 10.16
N ILE C 6 -11.31 18.70 10.00
CA ILE C 6 -11.82 18.18 8.76
C ILE C 6 -13.26 18.68 8.50
N ALA C 7 -13.49 19.15 7.29
CA ALA C 7 -14.81 19.69 6.93
C ALA C 7 -15.65 18.60 6.29
N THR C 8 -16.94 18.58 6.58
CA THR C 8 -17.79 17.64 5.91
C THR C 8 -18.16 18.17 4.52
N LEU C 9 -18.63 17.27 3.67
CA LEU C 9 -19.37 17.74 2.45
C LEU C 9 -20.58 18.56 2.83
#